data_4PMS
#
_entry.id   4PMS
#
_cell.length_a   75.780
_cell.length_b   75.780
_cell.length_c   112.190
_cell.angle_alpha   90.000
_cell.angle_beta   90.000
_cell.angle_gamma   120.000
#
_symmetry.space_group_name_H-M   'P 64'
#
loop_
_entity.id
_entity.type
_entity.pdbx_description
1 polymer 'High affinity nerve growth factor receptor'
2 non-polymer '4-(naphthalen-1-yl)-1-[(5-phenyl-1,2,4-oxadiazol-3-yl)methyl]-1H-pyrrolo[3,2-c]pyridine-2-carboxylic acid'
3 non-polymer 'CHLORIDE ION'
4 non-polymer 'ACETATE ION'
5 water water
#
_entity_poly.entity_id   1
_entity_poly.type   'polypeptide(L)'
_entity_poly.pdbx_seq_one_letter_code
;CVHHIKRRDIVLKWELGEGAFGKVFLAECHNLLPEQDKMLVAVKALKEASESARQDFQREAELLTMLQHQHIVRFFGVCT
EGRPLLMVFEYMRHGDLNRFLRSHGPDAKLLAGGEDVAPGPLGLGQLLAVASQVAAGMVYLAGLHFVHRDLATRNCLVGQ
GLVVKIGDFGMSRDIYSTDYYRVGGRTMLPIRWMPPESILYRKFTTESDVWSFGVVLWEIFTYGKQPWYQLSNTEAIDCI
TQGRELERPRACPPEVYAIMRGCWQREPQQRHSIKDVHARLQALAQAHHHH
;
_entity_poly.pdbx_strand_id   A
#
# COMPACT_ATOMS: atom_id res chain seq x y z
N CYS A 1 -7.44 -8.35 23.95
CA CYS A 1 -7.15 -6.92 23.83
C CYS A 1 -7.88 -6.26 22.65
N VAL A 2 -8.45 -7.12 21.77
CA VAL A 2 -9.21 -6.75 20.57
C VAL A 2 -10.52 -6.10 21.00
N HIS A 3 -10.92 -5.01 20.34
CA HIS A 3 -12.17 -4.34 20.67
C HIS A 3 -13.33 -5.05 19.95
N HIS A 4 -14.48 -5.17 20.63
CA HIS A 4 -15.67 -5.83 20.08
C HIS A 4 -16.79 -4.83 19.79
N ILE A 5 -17.43 -5.00 18.64
CA ILE A 5 -18.50 -4.15 18.13
C ILE A 5 -19.80 -4.97 18.00
N LYS A 6 -20.94 -4.41 18.42
CA LYS A 6 -22.23 -5.11 18.32
C LYS A 6 -22.71 -5.10 16.86
N ARG A 7 -23.18 -6.26 16.37
CA ARG A 7 -23.66 -6.45 15.01
C ARG A 7 -24.82 -5.53 14.58
N ARG A 8 -25.52 -4.97 15.56
CA ARG A 8 -26.65 -4.06 15.35
C ARG A 8 -26.14 -2.69 14.89
N ASP A 9 -24.89 -2.33 15.28
CA ASP A 9 -24.24 -1.07 14.92
C ASP A 9 -23.68 -1.08 13.47
N ILE A 10 -23.31 -2.26 12.97
CA ILE A 10 -22.77 -2.40 11.62
C ILE A 10 -23.95 -2.48 10.66
N VAL A 11 -24.04 -1.52 9.73
CA VAL A 11 -25.10 -1.44 8.71
C VAL A 11 -24.48 -1.52 7.31
N LEU A 12 -24.47 -2.73 6.73
CA LEU A 12 -23.95 -3.04 5.39
C LEU A 12 -24.64 -2.20 4.33
N LYS A 13 -23.86 -1.65 3.38
CA LYS A 13 -24.34 -0.77 2.29
C LYS A 13 -24.11 -1.41 0.92
N TRP A 14 -22.91 -1.95 0.67
CA TRP A 14 -22.56 -2.62 -0.59
C TRP A 14 -21.17 -3.25 -0.55
N GLU A 15 -21.06 -4.37 -1.25
CA GLU A 15 -19.84 -5.12 -1.39
C GLU A 15 -18.87 -4.28 -2.25
N LEU A 16 -17.69 -3.95 -1.69
CA LEU A 16 -16.63 -3.18 -2.35
C LEU A 16 -15.77 -4.10 -3.21
N GLY A 17 -15.52 -5.30 -2.70
CA GLY A 17 -14.74 -6.33 -3.36
C GLY A 17 -14.73 -7.66 -2.65
N GLU A 18 -13.94 -8.58 -3.19
CA GLU A 18 -13.80 -9.91 -2.66
C GLU A 18 -12.35 -10.34 -2.70
N GLY A 19 -11.85 -10.79 -1.56
CA GLY A 19 -10.51 -11.33 -1.40
C GLY A 19 -10.72 -12.84 -1.45
N ALA A 20 -9.66 -13.64 -1.26
CA ALA A 20 -9.85 -15.09 -1.29
C ALA A 20 -10.45 -15.54 0.05
N PHE A 21 -9.94 -14.96 1.17
CA PHE A 21 -10.36 -15.30 2.52
C PHE A 21 -11.66 -14.61 2.98
N GLY A 22 -12.08 -13.54 2.31
CA GLY A 22 -13.30 -12.82 2.67
C GLY A 22 -13.88 -11.81 1.68
N LYS A 23 -14.98 -11.16 2.07
CA LYS A 23 -15.69 -10.15 1.29
C LYS A 23 -15.58 -8.82 2.01
N VAL A 24 -15.42 -7.73 1.26
CA VAL A 24 -15.33 -6.42 1.88
C VAL A 24 -16.57 -5.62 1.55
N PHE A 25 -17.14 -4.98 2.56
CA PHE A 25 -18.34 -4.16 2.41
C PHE A 25 -18.11 -2.75 2.90
N LEU A 26 -18.85 -1.81 2.29
CA LEU A 26 -18.88 -0.43 2.72
C LEU A 26 -20.00 -0.54 3.72
N ALA A 27 -19.83 0.04 4.88
CA ALA A 27 -20.85 -0.04 5.91
C ALA A 27 -20.98 1.27 6.70
N GLU A 28 -22.06 1.37 7.49
CA GLU A 28 -22.38 2.49 8.37
C GLU A 28 -22.12 1.92 9.77
N CYS A 29 -21.48 2.68 10.66
CA CYS A 29 -21.21 2.18 12.00
C CYS A 29 -21.56 3.21 13.06
N HIS A 30 -22.42 2.79 14.02
CA HIS A 30 -22.87 3.63 15.13
C HIS A 30 -22.01 3.32 16.35
N ASN A 31 -21.61 4.36 17.10
CA ASN A 31 -20.79 4.28 18.32
C ASN A 31 -19.36 3.70 18.12
N LEU A 32 -18.46 4.60 17.73
CA LEU A 32 -17.01 4.48 17.55
C LEU A 32 -16.58 5.93 17.95
N LEU A 33 -17.12 6.32 19.13
CA LEU A 33 -17.07 7.57 19.90
C LEU A 33 -15.71 8.28 19.96
N ASP A 37 -24.21 9.89 14.83
CA ASP A 37 -22.96 9.14 14.91
C ASP A 37 -22.83 8.04 13.80
N LYS A 38 -23.22 8.40 12.55
CA LYS A 38 -23.17 7.51 11.37
C LYS A 38 -21.83 7.66 10.60
N MET A 39 -20.82 6.89 11.04
CA MET A 39 -19.46 6.83 10.50
C MET A 39 -19.32 5.77 9.42
N LEU A 40 -18.64 6.07 8.28
CA LEU A 40 -18.45 5.05 7.24
C LEU A 40 -17.26 4.16 7.62
N VAL A 41 -17.39 2.84 7.40
CA VAL A 41 -16.35 1.84 7.70
C VAL A 41 -16.19 0.82 6.54
N ALA A 42 -15.12 0.04 6.60
CA ALA A 42 -14.81 -1.02 5.65
C ALA A 42 -14.90 -2.30 6.49
N VAL A 43 -15.88 -3.15 6.22
CA VAL A 43 -16.05 -4.38 6.98
C VAL A 43 -15.61 -5.60 6.18
N LYS A 44 -14.62 -6.37 6.70
CA LYS A 44 -14.16 -7.61 6.08
C LYS A 44 -14.93 -8.76 6.73
N ALA A 45 -15.65 -9.55 5.92
CA ALA A 45 -16.45 -10.69 6.40
C ALA A 45 -15.72 -11.99 6.04
N LEU A 46 -15.32 -12.77 7.06
CA LEU A 46 -14.60 -14.03 6.91
C LEU A 46 -15.45 -15.16 6.31
N LYS A 47 -14.93 -15.80 5.26
CA LYS A 47 -15.56 -16.92 4.55
C LYS A 47 -15.53 -18.26 5.32
N GLU A 48 -14.39 -18.58 5.98
CA GLU A 48 -14.26 -19.83 6.73
C GLU A 48 -14.36 -19.66 8.24
N SER A 52 -10.52 -23.51 13.16
CA SER A 52 -9.65 -23.62 11.99
C SER A 52 -9.16 -22.23 11.53
N ALA A 53 -10.05 -21.46 10.87
CA ALA A 53 -9.81 -20.10 10.38
C ALA A 53 -10.08 -19.12 11.51
N ARG A 54 -10.83 -19.59 12.55
CA ARG A 54 -11.20 -18.89 13.79
C ARG A 54 -9.89 -18.63 14.60
N GLN A 55 -8.84 -19.43 14.28
CA GLN A 55 -7.50 -19.32 14.86
C GLN A 55 -6.77 -18.13 14.18
N ASP A 56 -6.74 -18.11 12.82
CA ASP A 56 -6.13 -17.06 11.98
C ASP A 56 -6.78 -15.68 12.20
N PHE A 57 -8.13 -15.65 12.33
CA PHE A 57 -8.95 -14.46 12.57
C PHE A 57 -8.57 -13.79 13.89
N GLN A 58 -8.31 -14.60 14.93
CA GLN A 58 -7.92 -14.14 16.26
C GLN A 58 -6.50 -13.54 16.19
N ARG A 59 -5.55 -14.30 15.58
CA ARG A 59 -4.15 -13.90 15.41
C ARG A 59 -4.04 -12.58 14.67
N GLU A 60 -4.79 -12.44 13.55
CA GLU A 60 -4.81 -11.22 12.74
C GLU A 60 -5.40 -10.09 13.54
N ALA A 61 -6.56 -10.30 14.21
CA ALA A 61 -7.22 -9.27 15.02
C ALA A 61 -6.31 -8.75 16.12
N GLU A 62 -5.50 -9.62 16.73
CA GLU A 62 -4.58 -9.24 17.81
C GLU A 62 -3.45 -8.37 17.27
N LEU A 63 -2.92 -8.73 16.08
CA LEU A 63 -1.85 -8.03 15.35
C LEU A 63 -2.33 -6.61 14.96
N LEU A 64 -3.49 -6.52 14.28
CA LEU A 64 -4.13 -5.28 13.83
C LEU A 64 -4.47 -4.36 15.03
N THR A 65 -4.78 -4.95 16.17
CA THR A 65 -5.08 -4.25 17.43
C THR A 65 -3.79 -3.52 17.90
N MET A 66 -2.62 -4.16 17.72
CA MET A 66 -1.29 -3.68 18.11
C MET A 66 -0.67 -2.66 17.12
N LEU A 67 -0.92 -2.82 15.80
CA LEU A 67 -0.40 -1.91 14.77
C LEU A 67 -1.31 -0.66 14.69
N GLN A 68 -0.95 0.38 15.44
CA GLN A 68 -1.69 1.64 15.50
C GLN A 68 -0.76 2.80 15.19
N HIS A 69 -1.00 3.42 14.02
CA HIS A 69 -0.18 4.51 13.53
C HIS A 69 -0.93 5.42 12.58
N GLN A 70 -0.45 6.65 12.53
CA GLN A 70 -0.93 7.75 11.71
C GLN A 70 -1.01 7.32 10.20
N HIS A 71 -0.06 6.48 9.72
CA HIS A 71 -0.02 6.07 8.31
C HIS A 71 -0.22 4.56 8.07
N ILE A 72 -0.97 3.91 8.97
CA ILE A 72 -1.39 2.52 8.92
C ILE A 72 -2.91 2.60 8.99
N VAL A 73 -3.59 1.95 8.03
CA VAL A 73 -5.04 1.88 7.93
C VAL A 73 -5.63 1.50 9.32
N ARG A 74 -6.59 2.28 9.84
CA ARG A 74 -7.14 2.03 11.17
C ARG A 74 -8.00 0.79 11.25
N PHE A 75 -7.76 -0.01 12.29
CA PHE A 75 -8.53 -1.20 12.61
C PHE A 75 -9.37 -0.79 13.82
N PHE A 76 -10.68 -1.02 13.79
CA PHE A 76 -11.56 -0.62 14.90
C PHE A 76 -12.03 -1.77 15.79
N GLY A 77 -11.80 -3.00 15.35
CA GLY A 77 -12.20 -4.17 16.12
C GLY A 77 -12.87 -5.25 15.31
N VAL A 78 -13.35 -6.27 16.02
CA VAL A 78 -14.06 -7.41 15.45
C VAL A 78 -15.50 -7.49 15.96
N CYS A 79 -16.26 -8.42 15.38
CA CYS A 79 -17.63 -8.75 15.74
C CYS A 79 -17.69 -10.25 15.65
N THR A 80 -17.67 -10.89 16.82
CA THR A 80 -17.74 -12.34 16.97
C THR A 80 -19.19 -12.79 17.22
N GLU A 81 -20.11 -11.81 17.51
CA GLU A 81 -21.54 -12.08 17.76
C GLU A 81 -22.26 -12.51 16.47
N GLY A 82 -22.19 -13.81 16.22
CA GLY A 82 -22.80 -14.44 15.06
C GLY A 82 -21.80 -14.76 13.97
N ARG A 83 -22.32 -15.12 12.79
CA ARG A 83 -21.56 -15.45 11.61
C ARG A 83 -22.19 -14.71 10.41
N PRO A 84 -21.41 -14.15 9.45
CA PRO A 84 -19.93 -14.21 9.33
C PRO A 84 -19.17 -13.42 10.40
N LEU A 85 -17.88 -13.75 10.54
CA LEU A 85 -17.02 -13.05 11.48
C LEU A 85 -16.63 -11.76 10.75
N LEU A 86 -16.67 -10.64 11.48
CA LEU A 86 -16.37 -9.33 10.92
C LEU A 86 -15.17 -8.66 11.54
N MET A 87 -14.46 -7.88 10.71
CA MET A 87 -13.30 -7.06 11.05
C MET A 87 -13.63 -5.71 10.49
N VAL A 88 -13.61 -4.68 11.36
CA VAL A 88 -14.01 -3.33 10.99
C VAL A 88 -12.81 -2.41 10.89
N PHE A 89 -12.69 -1.73 9.72
CA PHE A 89 -11.58 -0.80 9.41
C PHE A 89 -12.12 0.54 8.94
N GLU A 90 -11.26 1.59 8.98
CA GLU A 90 -11.61 2.91 8.48
C GLU A 90 -11.87 2.91 6.96
N TYR A 91 -12.73 3.85 6.51
CA TYR A 91 -13.03 3.98 5.08
C TYR A 91 -12.23 5.13 4.54
N MET A 92 -11.47 4.85 3.47
CA MET A 92 -10.61 5.79 2.74
C MET A 92 -11.30 6.01 1.38
N ARG A 93 -11.97 7.18 1.25
CA ARG A 93 -12.79 7.62 0.11
C ARG A 93 -12.22 7.44 -1.29
N HIS A 94 -10.89 7.59 -1.46
CA HIS A 94 -10.21 7.58 -2.77
C HIS A 94 -9.66 6.21 -3.20
N GLY A 95 -9.94 5.21 -2.39
CA GLY A 95 -9.53 3.84 -2.67
C GLY A 95 -8.04 3.60 -2.67
N ASP A 96 -7.59 2.57 -3.39
CA ASP A 96 -6.18 2.25 -3.43
C ASP A 96 -5.37 3.32 -4.16
N LEU A 97 -4.11 3.50 -3.75
CA LEU A 97 -3.18 4.49 -4.26
C LEU A 97 -2.74 4.26 -5.72
N ASN A 98 -2.81 3.04 -6.25
CA ASN A 98 -2.41 2.85 -7.65
C ASN A 98 -3.47 3.44 -8.58
N ARG A 99 -4.74 3.17 -8.27
CA ARG A 99 -5.81 3.69 -9.09
C ARG A 99 -5.84 5.20 -8.98
N PHE A 100 -5.59 5.73 -7.77
CA PHE A 100 -5.59 7.15 -7.49
C PHE A 100 -4.54 7.87 -8.34
N LEU A 101 -3.30 7.31 -8.38
CA LEU A 101 -2.18 7.86 -9.14
C LEU A 101 -2.55 7.88 -10.62
N ARG A 102 -3.11 6.74 -11.11
CA ARG A 102 -3.58 6.53 -12.48
C ARG A 102 -4.68 7.57 -12.81
N SER A 103 -5.54 7.90 -11.83
CA SER A 103 -6.65 8.88 -11.98
C SER A 103 -6.18 10.32 -11.95
N HIS A 104 -5.02 10.58 -11.33
CA HIS A 104 -4.46 11.93 -11.20
C HIS A 104 -3.11 12.09 -11.89
N GLY A 105 -2.99 11.50 -13.08
CA GLY A 105 -1.79 11.52 -13.89
C GLY A 105 -1.86 12.39 -15.12
N PRO A 106 -1.00 12.11 -16.13
CA PRO A 106 -0.99 12.93 -17.36
C PRO A 106 -2.35 13.01 -18.07
N ASP A 107 -3.13 11.92 -18.08
CA ASP A 107 -4.44 11.87 -18.73
C ASP A 107 -5.65 12.11 -17.79
N ALA A 108 -5.43 12.81 -16.65
CA ALA A 108 -6.46 13.13 -15.67
C ALA A 108 -7.67 13.91 -16.21
N LYS A 109 -7.49 14.84 -17.19
CA LYS A 109 -8.61 15.62 -17.76
C LYS A 109 -9.55 14.72 -18.56
N LEU A 110 -8.95 13.81 -19.35
CA LEU A 110 -9.66 12.85 -20.19
C LEU A 110 -10.46 11.88 -19.33
N LEU A 111 -9.84 11.39 -18.26
CA LEU A 111 -10.45 10.44 -17.34
C LEU A 111 -11.38 11.08 -16.30
N ALA A 112 -11.38 12.40 -16.16
CA ALA A 112 -12.24 13.01 -15.13
C ALA A 112 -13.69 13.17 -15.51
N GLY A 113 -14.52 13.10 -14.49
CA GLY A 113 -15.96 13.32 -14.57
C GLY A 113 -16.18 14.80 -14.71
N GLY A 114 -17.34 15.20 -15.17
CA GLY A 114 -17.69 16.60 -15.37
C GLY A 114 -17.38 17.49 -14.19
N GLU A 115 -17.93 17.15 -13.01
CA GLU A 115 -17.81 17.88 -11.74
C GLU A 115 -16.47 17.76 -10.97
N ASP A 116 -15.58 16.82 -11.33
CA ASP A 116 -14.29 16.62 -10.65
C ASP A 116 -13.52 17.93 -10.43
N VAL A 117 -12.98 18.10 -9.23
CA VAL A 117 -12.23 19.27 -8.81
C VAL A 117 -10.82 19.25 -9.40
N ALA A 118 -10.46 20.40 -10.04
CA ALA A 118 -9.20 20.73 -10.69
C ALA A 118 -8.57 19.52 -11.34
N PRO A 119 -9.19 18.90 -12.39
CA PRO A 119 -8.58 17.70 -12.99
C PRO A 119 -7.24 18.07 -13.60
N GLY A 120 -6.27 17.20 -13.43
CA GLY A 120 -4.91 17.42 -13.92
C GLY A 120 -3.93 16.60 -13.11
N PRO A 121 -2.69 16.40 -13.61
CA PRO A 121 -1.72 15.60 -12.86
C PRO A 121 -1.30 16.18 -11.53
N LEU A 122 -0.97 15.31 -10.59
CA LEU A 122 -0.47 15.73 -9.28
C LEU A 122 0.93 16.34 -9.57
N GLY A 123 1.29 17.37 -8.84
CA GLY A 123 2.60 17.99 -8.99
C GLY A 123 3.61 17.42 -8.03
N LEU A 124 4.86 17.92 -8.14
CA LEU A 124 5.99 17.50 -7.31
C LEU A 124 5.69 17.49 -5.81
N GLY A 125 5.17 18.59 -5.29
CA GLY A 125 4.84 18.67 -3.87
C GLY A 125 3.94 17.55 -3.39
N GLN A 126 2.91 17.25 -4.21
CA GLN A 126 1.93 16.21 -3.92
C GLN A 126 2.54 14.84 -3.99
N LEU A 127 3.29 14.57 -5.09
CA LEU A 127 3.98 13.30 -5.28
C LEU A 127 4.94 13.05 -4.10
N LEU A 128 5.59 14.12 -3.59
CA LEU A 128 6.50 14.08 -2.46
C LEU A 128 5.73 13.88 -1.17
N ALA A 129 4.51 14.48 -1.03
CA ALA A 129 3.66 14.33 0.16
C ALA A 129 3.21 12.88 0.33
N VAL A 130 2.89 12.21 -0.80
CA VAL A 130 2.44 10.81 -0.83
C VAL A 130 3.64 9.90 -0.44
N ALA A 131 4.80 10.13 -1.07
CA ALA A 131 6.03 9.40 -0.82
C ALA A 131 6.43 9.47 0.65
N SER A 132 6.48 10.64 1.23
CA SER A 132 6.89 10.88 2.62
C SER A 132 6.00 10.16 3.64
N GLN A 133 4.67 10.14 3.39
CA GLN A 133 3.69 9.50 4.25
C GLN A 133 3.85 7.98 4.23
N VAL A 134 4.15 7.38 3.03
CA VAL A 134 4.35 5.93 2.86
C VAL A 134 5.65 5.55 3.62
N ALA A 135 6.69 6.40 3.51
CA ALA A 135 7.98 6.20 4.16
C ALA A 135 7.81 6.19 5.69
N ALA A 136 6.94 7.11 6.20
CA ALA A 136 6.60 7.29 7.62
C ALA A 136 5.93 6.02 8.18
N GLY A 137 4.98 5.46 7.44
CA GLY A 137 4.32 4.23 7.85
C GLY A 137 5.32 3.09 7.87
N MET A 138 6.32 3.09 6.94
CA MET A 138 7.38 2.07 6.83
C MET A 138 8.44 2.23 7.90
N VAL A 139 8.64 3.47 8.39
CA VAL A 139 9.59 3.75 9.48
C VAL A 139 9.00 3.09 10.75
N TYR A 140 7.65 3.22 10.94
CA TYR A 140 6.93 2.65 12.07
C TYR A 140 7.10 1.13 12.08
N LEU A 141 6.80 0.47 10.95
CA LEU A 141 6.92 -0.98 10.85
C LEU A 141 8.34 -1.48 11.18
N ALA A 142 9.38 -0.79 10.66
CA ALA A 142 10.81 -1.12 10.85
C ALA A 142 11.19 -1.14 12.32
N GLY A 143 10.72 -0.13 13.05
CA GLY A 143 10.94 0.03 14.48
C GLY A 143 10.37 -1.11 15.30
N LEU A 144 9.19 -1.64 14.87
CA LEU A 144 8.50 -2.76 15.50
C LEU A 144 9.04 -4.09 15.00
N HIS A 145 10.11 -4.07 14.16
CA HIS A 145 10.73 -5.26 13.55
C HIS A 145 9.72 -6.07 12.74
N PHE A 146 8.80 -5.33 12.10
CA PHE A 146 7.77 -5.86 11.24
C PHE A 146 8.17 -5.70 9.75
N VAL A 147 8.00 -6.80 9.03
CA VAL A 147 8.30 -6.92 7.61
C VAL A 147 6.99 -7.05 6.93
N HIS A 148 6.68 -6.07 6.09
CA HIS A 148 5.45 -6.00 5.32
C HIS A 148 5.32 -7.17 4.31
N ARG A 149 6.28 -7.30 3.39
CA ARG A 149 6.40 -8.32 2.32
C ARG A 149 5.70 -7.98 1.00
N ASP A 150 4.64 -7.13 1.06
CA ASP A 150 3.90 -6.76 -0.14
C ASP A 150 3.62 -5.27 -0.20
N LEU A 151 4.65 -4.46 0.09
CA LEU A 151 4.50 -3.01 -0.01
C LEU A 151 4.53 -2.64 -1.50
N ALA A 152 3.46 -1.97 -1.95
CA ALA A 152 3.19 -1.52 -3.29
C ALA A 152 2.05 -0.48 -3.21
N THR A 153 1.90 0.38 -4.23
CA THR A 153 0.86 1.38 -4.22
C THR A 153 -0.53 0.77 -4.07
N ARG A 154 -0.75 -0.45 -4.58
CA ARG A 154 -2.06 -1.14 -4.45
C ARG A 154 -2.36 -1.43 -2.97
N ASN A 155 -1.32 -1.56 -2.13
CA ASN A 155 -1.53 -1.86 -0.71
C ASN A 155 -1.46 -0.59 0.10
N CYS A 156 -1.87 0.53 -0.54
CA CYS A 156 -1.94 1.84 0.10
C CYS A 156 -3.27 2.44 -0.20
N LEU A 157 -3.81 3.14 0.79
CA LEU A 157 -5.09 3.83 0.63
C LEU A 157 -4.96 5.33 0.74
N VAL A 158 -5.82 6.02 -0.01
CA VAL A 158 -5.90 7.46 -0.07
C VAL A 158 -7.25 7.90 0.44
N GLY A 159 -7.21 8.88 1.32
CA GLY A 159 -8.36 9.53 1.92
C GLY A 159 -8.30 11.02 1.68
N GLN A 160 -9.46 11.68 1.69
CA GLN A 160 -9.62 13.13 1.47
C GLN A 160 -8.57 13.96 2.20
N GLY A 161 -8.01 14.92 1.46
CA GLY A 161 -6.95 15.79 1.94
C GLY A 161 -5.59 15.17 1.70
N LEU A 162 -5.50 14.27 0.67
CA LEU A 162 -4.31 13.54 0.25
C LEU A 162 -3.66 12.79 1.44
N VAL A 163 -4.49 12.11 2.28
CA VAL A 163 -3.95 11.38 3.42
C VAL A 163 -3.67 10.03 2.84
N VAL A 164 -2.45 9.51 3.00
CA VAL A 164 -2.04 8.22 2.46
C VAL A 164 -1.69 7.29 3.62
N LYS A 165 -2.27 6.07 3.60
CA LYS A 165 -2.04 5.08 4.65
C LYS A 165 -1.74 3.68 4.07
N ILE A 166 -0.95 2.87 4.79
CA ILE A 166 -0.55 1.50 4.37
C ILE A 166 -1.40 0.42 5.00
N GLY A 167 -1.82 -0.55 4.19
CA GLY A 167 -2.54 -1.74 4.60
C GLY A 167 -1.89 -2.95 3.96
N ASP A 168 -2.65 -4.03 3.79
CA ASP A 168 -2.23 -5.29 3.14
C ASP A 168 -3.56 -5.87 2.78
N PHE A 169 -3.98 -5.68 1.54
CA PHE A 169 -5.32 -6.08 1.16
C PHE A 169 -5.43 -7.30 0.33
N GLY A 170 -6.47 -8.09 0.63
CA GLY A 170 -6.84 -9.29 -0.11
C GLY A 170 -7.51 -8.92 -1.42
N MET A 171 -8.16 -7.72 -1.45
CA MET A 171 -8.80 -7.16 -2.64
C MET A 171 -7.69 -6.85 -3.66
N SER A 172 -6.54 -6.30 -3.20
CA SER A 172 -5.34 -5.98 -4.01
C SER A 172 -4.79 -7.20 -4.75
N ARG A 173 -4.92 -8.41 -4.18
CA ARG A 173 -4.45 -9.64 -4.82
C ARG A 173 -5.40 -10.05 -5.89
N ASP A 174 -6.68 -9.68 -5.76
CA ASP A 174 -7.69 -10.02 -6.76
C ASP A 174 -7.69 -8.99 -7.89
N ILE A 175 -7.95 -7.72 -7.57
CA ILE A 175 -8.00 -6.58 -8.49
C ILE A 175 -6.70 -6.49 -9.27
N TYR A 176 -5.55 -6.70 -8.62
CA TYR A 176 -4.26 -6.61 -9.27
C TYR A 176 -3.58 -7.95 -9.34
N SER A 177 -4.31 -9.04 -9.66
CA SER A 177 -3.75 -10.41 -9.76
C SER A 177 -2.50 -10.53 -10.68
N THR A 178 -2.41 -9.66 -11.72
CA THR A 178 -1.34 -9.55 -12.71
C THR A 178 0.02 -9.12 -12.10
N ASP A 179 -0.03 -8.45 -10.93
CA ASP A 179 1.11 -7.98 -10.16
C ASP A 179 1.77 -9.17 -9.38
N TYR A 180 1.17 -10.37 -9.39
CA TYR A 180 1.72 -11.54 -8.69
C TYR A 180 2.06 -12.67 -9.64
N TYR A 181 3.08 -13.45 -9.26
CA TYR A 181 3.62 -14.59 -9.98
C TYR A 181 3.55 -15.85 -9.14
N ARG A 182 3.00 -16.93 -9.73
CA ARG A 182 2.85 -18.24 -9.07
C ARG A 182 4.15 -19.05 -9.17
N VAL A 183 4.68 -19.48 -7.99
CA VAL A 183 5.87 -20.31 -7.80
C VAL A 183 6.05 -20.64 -6.30
N ARG A 186 0.31 -23.09 -3.26
CA ARG A 186 0.71 -22.13 -4.28
C ARG A 186 0.90 -20.75 -3.66
N THR A 187 2.11 -20.18 -3.82
CA THR A 187 2.44 -18.86 -3.29
C THR A 187 2.59 -17.87 -4.44
N MET A 188 1.80 -16.79 -4.38
CA MET A 188 1.77 -15.73 -5.38
C MET A 188 2.70 -14.65 -4.91
N LEU A 189 3.83 -14.45 -5.61
CA LEU A 189 4.79 -13.43 -5.18
C LEU A 189 4.77 -12.16 -6.02
N PRO A 190 4.88 -10.95 -5.38
CA PRO A 190 4.90 -9.70 -6.16
C PRO A 190 6.33 -9.42 -6.66
N ILE A 191 6.81 -10.29 -7.56
CA ILE A 191 8.17 -10.36 -8.10
C ILE A 191 8.75 -9.00 -8.55
N ARG A 192 7.92 -8.13 -9.17
CA ARG A 192 8.33 -6.81 -9.68
C ARG A 192 8.71 -5.81 -8.57
N TRP A 193 8.28 -6.04 -7.32
CA TRP A 193 8.62 -5.17 -6.17
C TRP A 193 9.72 -5.78 -5.28
N MET A 194 10.06 -7.03 -5.53
CA MET A 194 11.02 -7.82 -4.77
C MET A 194 12.48 -7.67 -5.17
N PRO A 195 13.42 -7.65 -4.19
CA PRO A 195 14.85 -7.61 -4.55
C PRO A 195 15.34 -8.99 -5.03
N PRO A 196 16.59 -9.15 -5.49
CA PRO A 196 17.03 -10.49 -5.94
C PRO A 196 17.02 -11.63 -4.90
N GLU A 197 17.38 -11.34 -3.63
CA GLU A 197 17.45 -12.37 -2.60
C GLU A 197 16.08 -12.92 -2.26
N SER A 198 15.03 -12.11 -2.45
CA SER A 198 13.64 -12.45 -2.19
C SER A 198 13.13 -13.25 -3.34
N ILE A 199 13.48 -12.84 -4.58
CA ILE A 199 13.04 -13.60 -5.76
C ILE A 199 13.73 -14.96 -5.71
N LEU A 200 15.07 -14.98 -5.53
CA LEU A 200 15.87 -16.20 -5.47
C LEU A 200 15.62 -17.12 -4.28
N TYR A 201 15.62 -16.60 -3.02
CA TYR A 201 15.50 -17.46 -1.86
C TYR A 201 14.40 -17.13 -0.84
N ARG A 202 13.37 -16.32 -1.20
CA ARG A 202 12.27 -15.94 -0.29
C ARG A 202 12.75 -15.37 1.07
N LYS A 203 13.76 -14.49 1.03
CA LYS A 203 14.37 -13.85 2.16
C LYS A 203 13.73 -12.47 2.33
N PHE A 204 12.69 -12.39 3.17
CA PHE A 204 11.99 -11.13 3.41
C PHE A 204 12.52 -10.55 4.70
N THR A 205 12.89 -9.24 4.66
CA THR A 205 13.48 -8.47 5.77
C THR A 205 13.08 -6.97 5.66
N THR A 206 13.56 -6.13 6.59
CA THR A 206 13.26 -4.70 6.52
C THR A 206 13.93 -4.10 5.27
N GLU A 207 15.09 -4.69 4.86
CA GLU A 207 15.92 -4.32 3.69
C GLU A 207 15.22 -4.73 2.37
N SER A 208 14.38 -5.77 2.36
CA SER A 208 13.63 -6.12 1.14
C SER A 208 12.41 -5.14 1.01
N ASP A 209 11.88 -4.66 2.16
CA ASP A 209 10.79 -3.72 2.23
C ASP A 209 11.32 -2.36 1.75
N VAL A 210 12.57 -1.96 2.12
CA VAL A 210 13.12 -0.68 1.67
C VAL A 210 13.29 -0.74 0.14
N TRP A 211 13.59 -1.94 -0.40
CA TRP A 211 13.72 -2.14 -1.84
C TRP A 211 12.36 -1.90 -2.44
N SER A 212 11.32 -2.56 -1.87
CA SER A 212 9.92 -2.39 -2.30
C SER A 212 9.52 -0.93 -2.25
N PHE A 213 9.96 -0.19 -1.20
CA PHE A 213 9.71 1.24 -1.08
C PHE A 213 10.27 2.01 -2.26
N GLY A 214 11.47 1.65 -2.74
CA GLY A 214 12.07 2.29 -3.91
C GLY A 214 11.23 2.06 -5.16
N VAL A 215 10.66 0.87 -5.28
CA VAL A 215 9.79 0.47 -6.41
C VAL A 215 8.47 1.26 -6.29
N VAL A 216 7.95 1.43 -5.05
CA VAL A 216 6.76 2.25 -4.74
C VAL A 216 7.02 3.72 -5.20
N LEU A 217 8.23 4.26 -4.93
CA LEU A 217 8.64 5.62 -5.35
C LEU A 217 8.54 5.76 -6.85
N TRP A 218 9.06 4.75 -7.59
CA TRP A 218 9.02 4.70 -9.03
C TRP A 218 7.53 4.70 -9.50
N GLU A 219 6.64 3.95 -8.79
CA GLU A 219 5.20 3.92 -9.15
C GLU A 219 4.59 5.29 -9.00
N ILE A 220 4.97 6.04 -7.94
CA ILE A 220 4.43 7.39 -7.66
C ILE A 220 4.84 8.34 -8.76
N PHE A 221 6.13 8.31 -9.13
CA PHE A 221 6.66 9.23 -10.14
C PHE A 221 6.38 8.78 -11.59
N THR A 222 5.80 7.57 -11.83
CA THR A 222 5.40 7.18 -13.19
C THR A 222 3.86 7.28 -13.28
N TYR A 223 3.22 7.73 -12.18
CA TYR A 223 1.78 7.89 -11.99
C TYR A 223 1.01 6.58 -12.07
N GLY A 224 1.55 5.52 -11.45
CA GLY A 224 0.88 4.22 -11.37
C GLY A 224 1.33 3.13 -12.32
N LYS A 225 2.36 3.39 -13.17
CA LYS A 225 2.84 2.38 -14.12
C LYS A 225 3.34 1.10 -13.42
N GLN A 226 3.19 -0.08 -14.08
CA GLN A 226 3.67 -1.34 -13.51
C GLN A 226 5.22 -1.41 -13.69
N PRO A 227 6.00 -1.73 -12.63
CA PRO A 227 7.46 -1.82 -12.81
C PRO A 227 7.75 -2.88 -13.83
N TRP A 228 8.56 -2.59 -14.85
CA TRP A 228 8.87 -3.51 -15.95
C TRP A 228 7.64 -3.83 -16.79
N TYR A 229 6.74 -2.84 -16.99
CA TYR A 229 5.52 -3.04 -17.76
C TYR A 229 5.77 -3.69 -19.10
N GLN A 230 6.90 -3.34 -19.76
CA GLN A 230 7.32 -3.86 -21.07
C GLN A 230 7.68 -5.34 -21.05
N LEU A 231 7.89 -5.91 -19.85
CA LEU A 231 8.32 -7.30 -19.70
C LEU A 231 7.34 -8.25 -19.09
N SER A 232 7.50 -9.52 -19.46
CA SER A 232 6.74 -10.66 -18.96
C SER A 232 7.31 -10.98 -17.57
N ASN A 233 6.61 -11.78 -16.79
CA ASN A 233 7.08 -12.12 -15.46
C ASN A 233 8.47 -12.76 -15.43
N THR A 234 8.80 -13.62 -16.43
CA THR A 234 10.09 -14.29 -16.48
C THR A 234 11.15 -13.33 -16.96
N GLU A 235 10.83 -12.39 -17.86
CA GLU A 235 11.83 -11.41 -18.34
C GLU A 235 12.18 -10.44 -17.21
N ALA A 236 11.18 -10.09 -16.36
CA ALA A 236 11.34 -9.20 -15.21
C ALA A 236 12.21 -9.87 -14.16
N ILE A 237 11.99 -11.19 -13.90
CA ILE A 237 12.76 -11.96 -12.92
C ILE A 237 14.23 -11.91 -13.29
N ASP A 238 14.55 -12.15 -14.58
CA ASP A 238 15.94 -12.14 -15.00
CA ASP A 238 15.91 -12.12 -15.15
C ASP A 238 16.52 -10.72 -14.94
N CYS A 239 15.78 -9.66 -15.34
CA CYS A 239 16.26 -8.28 -15.22
C CYS A 239 16.61 -7.93 -13.75
N ILE A 240 15.72 -8.27 -12.80
CA ILE A 240 15.91 -7.98 -11.38
C ILE A 240 17.13 -8.75 -10.82
N THR A 241 17.26 -10.04 -11.14
CA THR A 241 18.39 -10.84 -10.62
C THR A 241 19.71 -10.39 -11.25
N GLN A 242 19.69 -10.01 -12.55
CA GLN A 242 20.85 -9.51 -13.27
C GLN A 242 21.35 -8.19 -12.72
N GLY A 243 20.46 -7.44 -12.09
CA GLY A 243 20.81 -6.16 -11.49
C GLY A 243 20.43 -4.94 -12.30
N ARG A 244 19.46 -5.08 -13.22
CA ARG A 244 18.98 -3.99 -14.03
C ARG A 244 18.17 -3.07 -13.14
N GLU A 245 18.22 -1.79 -13.39
CA GLU A 245 17.43 -0.89 -12.58
C GLU A 245 16.36 -0.22 -13.43
N LEU A 246 15.24 0.15 -12.78
CA LEU A 246 14.13 0.84 -13.39
C LEU A 246 14.60 2.23 -13.85
N GLU A 247 14.32 2.57 -15.13
CA GLU A 247 14.67 3.84 -15.79
C GLU A 247 14.09 5.01 -14.99
N ARG A 248 14.77 6.17 -15.00
CA ARG A 248 14.28 7.35 -14.29
C ARG A 248 12.95 7.85 -14.88
N PRO A 249 11.87 7.90 -14.08
CA PRO A 249 10.59 8.43 -14.61
C PRO A 249 10.72 9.91 -15.06
N ARG A 250 10.02 10.34 -16.15
CA ARG A 250 10.13 11.74 -16.63
C ARG A 250 9.76 12.78 -15.56
N ALA A 251 8.68 12.49 -14.77
CA ALA A 251 8.18 13.31 -13.68
C ALA A 251 9.07 13.22 -12.43
N CYS A 252 10.15 12.38 -12.48
CA CYS A 252 11.04 12.19 -11.33
C CYS A 252 12.26 13.14 -11.27
N PRO A 253 12.35 14.03 -10.25
CA PRO A 253 13.54 14.89 -10.12
C PRO A 253 14.77 14.01 -9.90
N PRO A 254 16.00 14.40 -10.34
CA PRO A 254 17.18 13.53 -10.12
C PRO A 254 17.44 13.10 -8.67
N GLU A 255 17.25 14.00 -7.69
CA GLU A 255 17.45 13.72 -6.26
C GLU A 255 16.53 12.65 -5.70
N VAL A 256 15.32 12.50 -6.28
CA VAL A 256 14.37 11.47 -5.87
C VAL A 256 14.90 10.14 -6.44
N TYR A 257 15.46 10.17 -7.67
CA TYR A 257 16.04 8.98 -8.30
C TYR A 257 17.23 8.46 -7.47
N ALA A 258 18.01 9.38 -6.84
CA ALA A 258 19.15 9.01 -5.99
C ALA A 258 18.62 8.26 -4.78
N ILE A 259 17.41 8.65 -4.27
CA ILE A 259 16.80 7.97 -3.15
C ILE A 259 16.44 6.52 -3.58
N MET A 260 15.86 6.32 -4.80
CA MET A 260 15.49 5.00 -5.29
C MET A 260 16.76 4.14 -5.38
N ARG A 261 17.82 4.71 -5.94
CA ARG A 261 19.09 4.05 -6.13
C ARG A 261 19.70 3.63 -4.80
N GLY A 262 19.31 4.30 -3.72
CA GLY A 262 19.76 4.01 -2.36
C GLY A 262 19.06 2.78 -1.83
N CYS A 263 17.78 2.65 -2.21
CA CYS A 263 16.89 1.53 -1.83
C CYS A 263 17.20 0.29 -2.64
N TRP A 264 17.91 0.44 -3.77
CA TRP A 264 18.20 -0.66 -4.68
C TRP A 264 19.63 -1.14 -4.71
N GLN A 265 20.42 -0.82 -3.69
CA GLN A 265 21.79 -1.31 -3.56
C GLN A 265 21.68 -2.83 -3.57
N ARG A 266 22.50 -3.55 -4.38
CA ARG A 266 22.43 -5.04 -4.49
C ARG A 266 22.48 -5.77 -3.14
N GLU A 267 23.34 -5.32 -2.24
CA GLU A 267 23.46 -5.95 -0.94
C GLU A 267 22.43 -5.37 0.02
N PRO A 268 21.63 -6.23 0.69
CA PRO A 268 20.64 -5.72 1.67
C PRO A 268 21.20 -4.79 2.77
N GLN A 269 22.40 -5.08 3.33
CA GLN A 269 23.00 -4.22 4.38
C GLN A 269 23.48 -2.84 3.81
N GLN A 270 23.65 -2.73 2.48
CA GLN A 270 24.12 -1.52 1.82
C GLN A 270 22.99 -0.54 1.50
N ARG A 271 21.75 -1.01 1.55
CA ARG A 271 20.56 -0.21 1.24
C ARG A 271 20.35 0.82 2.32
N HIS A 272 19.86 2.00 1.94
CA HIS A 272 19.58 3.09 2.87
C HIS A 272 18.52 2.70 3.84
N SER A 273 18.63 3.14 5.10
CA SER A 273 17.61 2.77 6.10
C SER A 273 16.40 3.58 5.77
N ILE A 274 15.22 3.02 6.03
CA ILE A 274 13.94 3.70 5.78
C ILE A 274 13.89 5.08 6.49
N LYS A 275 14.43 5.22 7.72
CA LYS A 275 14.46 6.50 8.44
C LYS A 275 15.20 7.57 7.61
N ASP A 276 16.36 7.21 7.02
CA ASP A 276 17.13 8.16 6.20
C ASP A 276 16.37 8.56 4.96
N VAL A 277 15.72 7.56 4.33
CA VAL A 277 14.89 7.75 3.14
C VAL A 277 13.77 8.74 3.48
N HIS A 278 13.07 8.49 4.60
CA HIS A 278 11.99 9.33 5.08
C HIS A 278 12.44 10.79 5.30
N ALA A 279 13.54 10.98 6.06
CA ALA A 279 14.14 12.26 6.37
C ALA A 279 14.48 13.07 5.08
N ARG A 280 14.97 12.39 4.06
CA ARG A 280 15.32 12.99 2.79
C ARG A 280 14.06 13.41 2.00
N LEU A 281 13.03 12.51 1.89
CA LEU A 281 11.76 12.81 1.21
C LEU A 281 11.08 13.98 1.92
N GLN A 282 11.11 14.00 3.28
CA GLN A 282 10.57 15.10 4.06
C GLN A 282 11.38 16.40 3.80
N ALA A 283 12.73 16.32 3.80
CA ALA A 283 13.57 17.47 3.52
C ALA A 283 13.20 18.08 2.17
N LEU A 284 13.04 17.26 1.11
CA LEU A 284 12.68 17.72 -0.23
C LEU A 284 11.29 18.31 -0.27
N ALA A 285 10.34 17.63 0.35
CA ALA A 285 8.95 18.06 0.45
C ALA A 285 8.88 19.48 1.07
N GLN A 286 9.67 19.70 2.15
CA GLN A 286 9.80 20.95 2.91
C GLN A 286 10.43 22.08 2.10
N ALA A 287 11.32 21.73 1.15
CA ALA A 287 12.03 22.65 0.27
C ALA A 287 11.21 23.03 -0.99
N HIS A 288 9.99 22.49 -1.13
CA HIS A 288 9.14 22.75 -2.29
C HIS A 288 7.70 23.23 -1.89
N HIS A 289 7.46 23.32 -0.54
CA HIS A 289 6.19 23.77 0.08
C HIS A 289 5.72 25.14 -0.38
N HIS A 290 6.68 26.10 -0.53
CA HIS A 290 6.36 27.47 -0.92
C HIS A 290 6.68 27.80 -2.38
N HIS A 291 7.13 26.80 -3.17
CA HIS A 291 7.51 27.06 -4.55
C HIS A 291 6.83 26.11 -5.53
#